data_4CAJ
#
_entry.id   4CAJ
#
_cell.length_a   146.200
_cell.length_b   94.470
_cell.length_c   76.140
_cell.angle_alpha   90.00
_cell.angle_beta   121.42
_cell.angle_gamma   90.00
#
_symmetry.space_group_name_H-M   'C 1 2 1'
#
loop_
_entity.id
_entity.type
_entity.pdbx_description
1 polymer 'CD209 ANTIGEN-LIKE PROTEIN B'
2 non-polymer 'CALCIUM ION'
3 non-polymer 'SULFATE ION'
4 non-polymer 'N-acetyl-alpha-neuraminic acid'
5 non-polymer 'CHLORIDE ION'
6 water water
#
_entity_poly.entity_id   1
_entity_poly.type   'polypeptide(L)'
_entity_poly.pdbx_seq_one_letter_code
;MSALLILALVGAAVADYKDDDDKLCRLCPWDWTFLLGNCYFFSKSQRNWNDAVTACKEVKAQLVIINSDEEQTFLQQTSK
AKGPTWMGLSDLKKEATWLWVDGSTLSSRFQKYWNRGEPNNIGEEDCVEFAGDGWNDSKCELKKFWICKKSATPCTEG
;
_entity_poly.pdbx_strand_id   A,B,C,D
#
# COMPACT_ATOMS: atom_id res chain seq x y z
N CYS A 25 -7.15 12.33 3.35
CA CYS A 25 -6.64 12.41 1.99
C CYS A 25 -5.37 11.58 1.74
N ARG A 26 -5.52 10.43 1.09
CA ARG A 26 -4.32 9.65 0.73
C ARG A 26 -4.19 9.46 -0.78
N LEU A 27 -3.08 9.96 -1.32
CA LEU A 27 -2.94 10.04 -2.77
C LEU A 27 -2.33 8.74 -3.34
N CYS A 28 -1.30 8.27 -2.65
CA CYS A 28 -0.59 7.05 -3.04
C CYS A 28 -0.65 6.04 -1.88
N PRO A 29 -0.49 4.74 -2.19
CA PRO A 29 -0.38 3.64 -1.24
C PRO A 29 0.76 3.90 -0.30
N TRP A 30 0.71 3.27 0.85
CA TRP A 30 1.73 3.43 1.87
C TRP A 30 3.15 3.08 1.36
N ASP A 31 4.07 3.93 1.77
CA ASP A 31 5.42 3.99 1.25
C ASP A 31 5.55 4.25 -0.26
N TRP A 32 4.48 4.73 -0.94
CA TRP A 32 4.64 5.27 -2.30
C TRP A 32 4.57 6.84 -2.39
N THR A 33 5.35 7.42 -3.33
CA THR A 33 5.50 8.90 -3.56
C THR A 33 4.56 9.47 -4.64
N PHE A 34 3.82 10.50 -4.29
CA PHE A 34 2.93 11.12 -5.26
C PHE A 34 3.71 12.14 -6.13
N LEU A 35 3.50 12.11 -7.43
CA LEU A 35 4.11 13.10 -8.33
C LEU A 35 3.28 13.23 -9.58
N LEU A 36 2.61 14.36 -9.66
CA LEU A 36 1.95 14.77 -10.88
C LEU A 36 0.96 13.73 -11.31
N GLY A 37 0.16 13.29 -10.34
CA GLY A 37 -0.99 12.45 -10.67
C GLY A 37 -0.62 11.00 -10.77
N ASN A 38 0.64 10.67 -10.54
CA ASN A 38 1.09 9.28 -10.44
C ASN A 38 1.75 8.92 -9.10
N CYS A 39 1.96 7.62 -8.89
CA CYS A 39 2.57 7.11 -7.65
C CYS A 39 3.84 6.32 -7.96
N TYR A 40 4.86 6.58 -7.19
CA TYR A 40 6.14 5.95 -7.43
C TYR A 40 6.60 5.14 -6.21
N PHE A 41 7.09 3.94 -6.50
CA PHE A 41 7.72 3.14 -5.47
C PHE A 41 9.18 2.93 -5.81
N PHE A 42 10.05 3.23 -4.86
CA PHE A 42 11.48 2.98 -4.99
C PHE A 42 11.90 1.73 -4.18
N SER A 43 12.41 0.73 -4.89
CA SER A 43 12.84 -0.50 -4.27
C SER A 43 13.99 -0.22 -3.32
N LYS A 44 14.12 -1.07 -2.30
CA LYS A 44 15.20 -0.99 -1.35
C LYS A 44 16.23 -2.05 -1.71
N SER A 45 15.90 -2.92 -2.67
CA SER A 45 16.81 -3.99 -3.11
C SER A 45 17.00 -3.98 -4.60
N GLN A 46 17.84 -4.89 -5.10
CA GLN A 46 18.24 -4.87 -6.51
C GLN A 46 17.88 -6.13 -7.22
N ARG A 47 17.45 -6.00 -8.46
CA ARG A 47 16.98 -7.16 -9.22
C ARG A 47 17.39 -7.02 -10.64
N ASN A 48 17.45 -8.14 -11.36
CA ASN A 48 17.64 -8.08 -12.79
C ASN A 48 16.39 -7.52 -13.39
N TRP A 49 16.49 -7.23 -14.68
CA TRP A 49 15.52 -6.37 -15.33
C TRP A 49 14.16 -7.01 -15.36
N ASN A 50 14.10 -8.27 -15.76
CA ASN A 50 12.81 -8.95 -15.92
C ASN A 50 12.08 -9.18 -14.58
N ASP A 51 12.88 -9.39 -13.54
CA ASP A 51 12.35 -9.59 -12.19
C ASP A 51 11.68 -8.34 -11.74
N ALA A 52 12.36 -7.23 -12.02
CA ALA A 52 11.88 -5.89 -11.66
C ALA A 52 10.56 -5.63 -12.37
N VAL A 53 10.48 -6.06 -13.62
CA VAL A 53 9.22 -5.92 -14.28
C VAL A 53 8.22 -6.69 -13.47
N THR A 54 8.57 -7.93 -13.10
CA THR A 54 7.59 -8.74 -12.39
C THR A 54 7.13 -8.05 -11.10
N ALA A 55 8.09 -7.59 -10.30
CA ALA A 55 7.81 -6.93 -9.05
C ALA A 55 6.85 -5.82 -9.23
N CYS A 56 7.00 -5.07 -10.31
CA CYS A 56 6.06 -3.98 -10.54
C CYS A 56 4.69 -4.48 -10.83
N LYS A 57 4.63 -5.55 -11.61
CA LYS A 57 3.35 -6.10 -11.98
C LYS A 57 2.68 -6.64 -10.71
N GLU A 58 3.47 -6.97 -9.68
CA GLU A 58 2.84 -7.54 -8.48
C GLU A 58 1.93 -6.58 -7.77
N VAL A 59 2.18 -5.30 -7.94
CA VAL A 59 1.41 -4.28 -7.27
C VAL A 59 0.63 -3.43 -8.26
N LYS A 60 0.22 -4.04 -9.37
CA LYS A 60 -0.52 -3.34 -10.43
C LYS A 60 0.18 -2.04 -10.88
N ALA A 61 1.50 -2.09 -11.10
CA ALA A 61 2.30 -0.95 -11.56
C ALA A 61 3.24 -1.43 -12.67
N GLN A 62 4.03 -0.51 -13.27
CA GLN A 62 4.97 -0.85 -14.39
C GLN A 62 6.37 -0.41 -14.04
N LEU A 63 7.40 -1.17 -14.40
CA LEU A 63 8.78 -0.67 -14.27
C LEU A 63 8.81 0.70 -14.99
N VAL A 64 9.36 1.72 -14.35
CA VAL A 64 8.89 3.11 -14.63
C VAL A 64 9.05 3.62 -16.06
N ILE A 65 7.95 4.18 -16.58
CA ILE A 65 7.92 4.83 -17.90
C ILE A 65 7.95 6.35 -17.74
N ILE A 66 8.91 6.99 -18.39
CA ILE A 66 9.06 8.44 -18.29
C ILE A 66 8.22 9.10 -19.39
N ASN A 67 7.48 10.11 -19.02
CA ASN A 67 6.71 10.85 -20.03
C ASN A 67 6.56 12.30 -19.64
N SER A 68 7.49 12.77 -18.84
CA SER A 68 7.56 14.17 -18.51
C SER A 68 8.93 14.46 -17.98
N ASP A 69 9.33 15.69 -18.17
CA ASP A 69 10.65 16.10 -17.80
C ASP A 69 10.72 16.38 -16.29
N GLU A 70 9.67 16.90 -15.68
CA GLU A 70 9.71 17.07 -14.21
C GLU A 70 9.92 15.68 -13.58
N GLU A 71 9.24 14.70 -14.15
CA GLU A 71 9.36 13.31 -13.74
C GLU A 71 10.75 12.75 -13.87
N GLN A 72 11.37 12.97 -15.03
CA GLN A 72 12.70 12.43 -15.30
C GLN A 72 13.71 13.05 -14.31
N THR A 73 13.47 14.29 -13.98
CA THR A 73 14.31 15.03 -13.06
C THR A 73 14.23 14.48 -11.65
N PHE A 74 13.03 14.08 -11.27
CA PHE A 74 12.83 13.67 -9.90
C PHE A 74 13.49 12.32 -9.69
N LEU A 75 13.29 11.46 -10.67
CA LEU A 75 13.79 10.10 -10.55
C LEU A 75 15.27 10.11 -10.57
N GLN A 76 15.83 10.89 -11.50
CA GLN A 76 17.26 10.94 -11.72
C GLN A 76 17.97 11.27 -10.44
N GLN A 77 17.48 12.24 -9.70
CA GLN A 77 18.21 12.61 -8.49
C GLN A 77 17.98 11.51 -7.47
N THR A 78 16.78 10.96 -7.41
CA THR A 78 16.55 9.89 -6.43
C THR A 78 17.49 8.71 -6.67
N SER A 79 17.60 8.25 -7.91
CA SER A 79 18.51 7.15 -8.22
C SER A 79 19.92 7.49 -7.70
N LYS A 80 20.33 8.73 -7.84
CA LYS A 80 21.71 9.07 -7.58
C LYS A 80 22.09 8.71 -6.16
N ALA A 81 21.15 8.87 -5.25
CA ALA A 81 21.46 8.58 -3.88
C ALA A 81 21.61 7.07 -3.65
N LYS A 82 20.94 6.25 -4.46
CA LYS A 82 20.97 4.79 -4.25
C LYS A 82 22.03 4.09 -5.04
N GLY A 83 21.92 4.23 -6.34
CA GLY A 83 22.80 3.58 -7.26
C GLY A 83 22.04 3.31 -8.52
N PRO A 84 22.71 2.70 -9.49
CA PRO A 84 22.03 2.41 -10.73
C PRO A 84 20.70 1.73 -10.52
N THR A 85 19.74 2.18 -11.32
CA THR A 85 18.36 1.84 -11.16
C THR A 85 17.75 1.65 -12.52
N TRP A 86 16.95 0.58 -12.64
CA TRP A 86 16.23 0.23 -13.86
C TRP A 86 15.03 1.09 -14.12
N MET A 87 14.77 1.33 -15.41
CA MET A 87 13.50 1.88 -15.84
C MET A 87 12.87 0.93 -16.86
N GLY A 88 11.63 1.20 -17.20
CA GLY A 88 10.86 0.29 -18.01
C GLY A 88 11.04 0.43 -19.48
N LEU A 89 12.30 0.55 -19.89
CA LEU A 89 12.67 0.76 -21.28
C LEU A 89 13.67 -0.32 -21.72
N SER A 90 13.48 -0.84 -22.93
CA SER A 90 14.33 -1.92 -23.47
C SER A 90 14.18 -2.01 -24.98
N ASP A 91 15.14 -2.66 -25.65
CA ASP A 91 15.01 -2.99 -27.10
C ASP A 91 14.93 -4.49 -27.34
N LEU A 92 14.30 -5.18 -26.41
CA LEU A 92 14.30 -6.64 -26.45
C LEU A 92 13.43 -7.13 -27.57
N LYS A 93 12.44 -6.33 -27.96
CA LYS A 93 11.60 -6.74 -29.07
C LYS A 93 12.43 -6.71 -30.37
N LYS A 94 13.18 -5.64 -30.59
CA LYS A 94 13.98 -5.48 -31.83
C LYS A 94 15.21 -4.65 -31.58
N GLU A 95 16.38 -5.26 -31.71
CA GLU A 95 17.63 -4.53 -31.63
C GLU A 95 17.54 -3.15 -32.31
N ALA A 96 17.83 -2.13 -31.49
CA ALA A 96 17.95 -0.72 -31.85
C ALA A 96 16.66 0.10 -31.67
N THR A 97 15.51 -0.55 -31.57
CA THR A 97 14.28 0.18 -31.28
C THR A 97 13.97 0.03 -29.78
N TRP A 98 13.80 1.17 -29.10
CA TRP A 98 13.63 1.16 -27.65
C TRP A 98 12.18 1.41 -27.37
N LEU A 99 11.53 0.43 -26.78
CA LEU A 99 10.12 0.47 -26.40
C LEU A 99 9.99 0.46 -24.91
N TRP A 100 8.97 1.15 -24.42
CA TRP A 100 8.64 1.12 -23.03
C TRP A 100 7.88 -0.19 -22.76
N VAL A 101 7.86 -0.59 -21.49
CA VAL A 101 7.22 -1.87 -21.17
C VAL A 101 5.77 -1.91 -21.58
N ASP A 102 5.15 -0.75 -21.74
CA ASP A 102 3.76 -0.68 -22.16
C ASP A 102 3.61 -0.74 -23.67
N GLY A 103 4.72 -0.93 -24.40
CA GLY A 103 4.63 -1.04 -25.84
C GLY A 103 4.80 0.27 -26.59
N SER A 104 4.70 1.38 -25.88
CA SER A 104 4.88 2.69 -26.49
C SER A 104 6.32 2.93 -26.91
N THR A 105 6.46 3.62 -28.04
CA THR A 105 7.77 4.00 -28.59
C THR A 105 8.47 5.11 -27.82
N LEU A 106 9.80 5.09 -27.78
CA LEU A 106 10.55 6.17 -27.15
C LEU A 106 10.42 7.41 -27.97
N SER A 107 10.22 8.54 -27.29
CA SER A 107 9.97 9.81 -27.95
C SER A 107 11.25 10.59 -28.27
N SER A 108 11.23 11.30 -29.41
CA SER A 108 12.34 12.19 -29.76
C SER A 108 12.66 13.18 -28.65
N ARG A 109 11.64 13.72 -27.98
CA ARG A 109 11.90 14.74 -26.98
C ARG A 109 12.65 14.17 -25.77
N PHE A 110 12.80 12.85 -25.71
CA PHE A 110 13.44 12.23 -24.54
C PHE A 110 14.81 11.71 -24.88
N GLN A 111 15.10 11.60 -26.15
CA GLN A 111 16.43 11.18 -26.55
C GLN A 111 17.53 12.00 -25.89
N LYS A 112 17.25 13.24 -25.53
CA LYS A 112 18.28 14.05 -24.90
C LYS A 112 18.86 13.43 -23.63
N TYR A 113 18.16 12.44 -23.05
CA TYR A 113 18.54 11.89 -21.72
C TYR A 113 19.59 10.79 -21.74
N TRP A 114 19.81 10.16 -22.90
CA TRP A 114 20.97 9.29 -23.03
C TRP A 114 22.19 10.08 -22.62
N ASN A 115 23.04 9.46 -21.81
CA ASN A 115 24.34 10.02 -21.48
C ASN A 115 25.14 10.12 -22.76
N ARG A 116 26.21 10.90 -22.79
CA ARG A 116 27.07 10.85 -23.98
C ARG A 116 27.69 9.47 -24.12
N GLY A 117 27.66 8.88 -25.30
CA GLY A 117 28.23 7.56 -25.49
C GLY A 117 27.23 6.47 -25.16
N GLU A 118 25.97 6.86 -25.03
CA GLU A 118 24.88 5.91 -24.86
C GLU A 118 23.79 6.23 -25.87
N PRO A 119 23.09 5.22 -26.37
CA PRO A 119 23.23 3.79 -26.09
C PRO A 119 24.41 3.20 -26.81
N ASN A 120 25.11 2.26 -26.20
CA ASN A 120 26.19 1.56 -26.88
C ASN A 120 25.99 0.06 -26.78
N ASN A 121 27.06 -0.70 -27.04
CA ASN A 121 27.08 -2.15 -26.94
C ASN A 121 25.74 -2.76 -27.39
N ILE A 122 25.22 -2.26 -28.51
CA ILE A 122 23.91 -2.64 -29.01
C ILE A 122 23.83 -4.12 -29.26
N GLY A 123 22.72 -4.71 -28.84
CA GLY A 123 22.50 -6.12 -29.02
C GLY A 123 23.12 -6.93 -27.90
N GLU A 124 23.94 -6.30 -27.07
CA GLU A 124 24.45 -6.96 -25.85
C GLU A 124 23.96 -6.32 -24.54
N GLU A 125 23.67 -5.02 -24.55
CA GLU A 125 23.13 -4.33 -23.38
C GLU A 125 21.76 -3.84 -23.73
N ASP A 126 20.74 -4.57 -23.28
CA ASP A 126 19.41 -4.39 -23.84
C ASP A 126 18.43 -3.66 -22.95
N CYS A 127 18.85 -3.27 -21.75
CA CYS A 127 17.93 -2.58 -20.87
C CYS A 127 18.48 -1.25 -20.40
N VAL A 128 17.56 -0.34 -20.11
CA VAL A 128 17.93 1.01 -19.74
C VAL A 128 17.82 1.32 -18.22
N GLU A 129 18.87 1.97 -17.72
CA GLU A 129 19.03 2.36 -16.31
C GLU A 129 19.24 3.89 -16.11
N PHE A 130 18.87 4.43 -14.97
CA PHE A 130 19.38 5.74 -14.61
C PHE A 130 20.80 5.54 -14.20
N ALA A 131 21.69 6.38 -14.72
CA ALA A 131 23.11 6.34 -14.38
C ALA A 131 23.67 7.76 -14.34
N GLY A 132 23.88 8.27 -13.13
CA GLY A 132 24.44 9.60 -12.97
C GLY A 132 23.42 10.67 -13.29
N ASP A 133 23.61 11.39 -14.39
CA ASP A 133 22.69 12.45 -14.76
C ASP A 133 21.87 12.14 -16.02
N GLY A 134 22.11 10.98 -16.65
CA GLY A 134 21.39 10.55 -17.86
C GLY A 134 21.14 9.05 -17.84
N TRP A 135 20.84 8.46 -19.01
CA TRP A 135 20.53 7.06 -19.14
C TRP A 135 21.65 6.28 -19.82
N ASN A 136 21.95 5.09 -19.30
CA ASN A 136 22.76 4.07 -19.96
C ASN A 136 21.97 2.87 -20.36
N ASP A 137 22.51 2.13 -21.31
CA ASP A 137 22.07 0.76 -21.51
C ASP A 137 23.03 -0.22 -20.85
N SER A 138 22.48 -1.35 -20.39
CA SER A 138 23.22 -2.30 -19.56
C SER A 138 22.79 -3.74 -19.86
N LYS A 139 23.64 -4.69 -19.48
CA LYS A 139 23.25 -6.11 -19.57
C LYS A 139 22.02 -6.37 -18.70
N CYS A 140 20.96 -6.83 -19.33
CA CYS A 140 19.73 -7.08 -18.60
C CYS A 140 19.91 -8.05 -17.42
N GLU A 141 20.94 -8.86 -17.46
CA GLU A 141 21.14 -9.85 -16.41
C GLU A 141 21.56 -9.19 -15.12
N LEU A 142 21.95 -7.91 -15.17
CA LEU A 142 22.47 -7.29 -13.94
C LEU A 142 21.40 -7.00 -12.92
N LYS A 143 21.77 -7.04 -11.65
CA LYS A 143 20.84 -6.70 -10.58
C LYS A 143 21.02 -5.23 -10.31
N LYS A 144 19.92 -4.51 -10.28
CA LYS A 144 19.98 -3.10 -10.00
C LYS A 144 18.74 -2.71 -9.23
N PHE A 145 18.73 -1.53 -8.61
CA PHE A 145 17.52 -1.01 -8.05
C PHE A 145 16.49 -0.80 -9.12
N TRP A 146 15.23 -0.66 -8.72
CA TRP A 146 14.18 -0.35 -9.63
C TRP A 146 13.10 0.54 -9.00
N ILE A 147 12.21 0.98 -9.87
CA ILE A 147 11.20 1.97 -9.58
C ILE A 147 10.00 1.55 -10.31
N CYS A 148 8.85 1.53 -9.63
CA CYS A 148 7.55 1.21 -10.25
C CYS A 148 6.76 2.45 -10.30
N LYS A 149 5.80 2.49 -11.21
CA LYS A 149 4.93 3.63 -11.35
C LYS A 149 3.55 3.17 -11.68
N LYS A 150 2.54 3.76 -11.06
CA LYS A 150 1.18 3.50 -11.49
C LYS A 150 0.38 4.73 -11.15
N SER A 151 -0.83 4.82 -11.69
CA SER A 151 -1.59 6.04 -11.57
C SER A 151 -2.13 6.21 -10.17
N ALA A 152 -2.29 7.47 -9.75
CA ALA A 152 -2.74 7.81 -8.41
C ALA A 152 -4.26 7.82 -8.34
N THR A 153 -4.77 8.05 -7.12
CA THR A 153 -6.19 8.21 -6.86
C THR A 153 -6.43 9.53 -6.09
N PRO A 154 -7.24 10.45 -6.66
CA PRO A 154 -7.26 11.80 -6.08
C PRO A 154 -8.03 11.92 -4.76
N CYS A 155 -8.18 13.16 -4.28
CA CYS A 155 -8.84 13.45 -3.01
C CYS A 155 -9.97 14.47 -3.20
N LEU B 24 17.19 -3.39 2.44
CA LEU B 24 18.61 -3.05 2.36
C LEU B 24 18.82 -1.53 2.34
N CYS B 25 18.72 -0.91 1.15
CA CYS B 25 18.98 0.52 1.01
C CYS B 25 17.72 1.34 1.17
N ARG B 26 17.57 1.96 2.33
CA ARG B 26 16.40 2.80 2.61
C ARG B 26 16.88 4.20 3.00
N LEU B 27 16.44 5.21 2.24
CA LEU B 27 16.95 6.58 2.38
C LEU B 27 16.22 7.40 3.40
N CYS B 28 14.92 7.16 3.43
CA CYS B 28 13.99 7.89 4.26
C CYS B 28 13.21 6.96 5.16
N PRO B 29 12.64 7.49 6.25
CA PRO B 29 11.72 6.68 7.07
C PRO B 29 10.65 6.15 6.20
N TRP B 30 10.03 5.04 6.57
CA TRP B 30 8.99 4.46 5.74
C TRP B 30 7.91 5.48 5.54
N ASP B 31 7.39 5.49 4.34
CA ASP B 31 6.39 6.47 3.93
C ASP B 31 6.83 7.93 3.96
N TRP B 32 8.10 8.24 4.05
CA TRP B 32 8.59 9.60 3.75
C TRP B 32 9.23 9.67 2.36
N THR B 33 9.09 10.80 1.66
CA THR B 33 9.65 10.95 0.30
C THR B 33 11.05 11.56 0.32
N PHE B 34 11.95 10.95 -0.42
CA PHE B 34 13.31 11.49 -0.60
C PHE B 34 13.37 12.56 -1.74
N LEU B 35 14.06 13.63 -1.42
CA LEU B 35 14.29 14.73 -2.36
C LEU B 35 15.49 15.51 -1.92
N LEU B 36 16.56 15.36 -2.71
CA LEU B 36 17.73 16.21 -2.60
C LEU B 36 18.34 16.20 -1.22
N GLY B 37 18.53 14.99 -0.71
CA GLY B 37 19.29 14.81 0.51
C GLY B 37 18.46 14.91 1.77
N ASN B 38 17.16 15.18 1.58
CA ASN B 38 16.23 15.21 2.70
C ASN B 38 14.96 14.32 2.54
N CYS B 39 14.26 14.14 3.65
CA CYS B 39 13.07 13.32 3.67
C CYS B 39 11.93 14.20 4.09
N TYR B 40 10.83 14.10 3.34
CA TYR B 40 9.65 14.91 3.59
C TYR B 40 8.46 13.99 3.93
N PHE B 41 7.68 14.32 4.96
CA PHE B 41 6.46 13.57 5.24
C PHE B 41 5.23 14.41 4.98
N PHE B 42 4.28 13.85 4.23
CA PHE B 42 3.03 14.53 3.94
C PHE B 42 1.96 14.00 4.86
N SER B 43 1.39 14.87 5.69
CA SER B 43 0.35 14.47 6.62
C SER B 43 -0.84 14.00 5.83
N LYS B 44 -1.62 13.12 6.43
CA LYS B 44 -2.86 12.65 5.81
C LYS B 44 -4.08 13.33 6.48
N SER B 45 -3.83 13.97 7.60
CA SER B 45 -4.87 14.60 8.43
C SER B 45 -4.58 16.10 8.55
N GLN B 46 -5.39 16.84 9.31
CA GLN B 46 -5.16 18.30 9.44
C GLN B 46 -5.03 18.78 10.89
N ARG B 47 -4.15 19.75 11.11
CA ARG B 47 -3.92 20.30 12.43
C ARG B 47 -3.62 21.79 12.40
N ASN B 48 -3.81 22.44 13.53
CA ASN B 48 -3.42 23.82 13.66
C ASN B 48 -1.91 23.89 13.52
N TRP B 49 -1.42 25.12 13.46
CA TRP B 49 -0.06 25.35 13.09
C TRP B 49 0.84 24.83 14.20
N ASN B 50 0.50 25.13 15.44
CA ASN B 50 1.42 24.74 16.53
C ASN B 50 1.46 23.22 16.69
N ASP B 51 0.30 22.62 16.59
CA ASP B 51 0.24 21.19 16.73
C ASP B 51 1.16 20.58 15.70
N ALA B 52 1.12 21.15 14.50
CA ALA B 52 1.89 20.61 13.37
C ALA B 52 3.35 20.66 13.68
N VAL B 53 3.78 21.77 14.27
CA VAL B 53 5.16 21.89 14.65
C VAL B 53 5.44 20.71 15.60
N THR B 54 4.56 20.59 16.58
CA THR B 54 4.73 19.53 17.55
C THR B 54 4.77 18.16 16.83
N ALA B 55 3.79 17.90 15.97
CA ALA B 55 3.80 16.66 15.21
C ALA B 55 5.11 16.39 14.49
N CYS B 56 5.73 17.40 13.88
CA CYS B 56 7.02 17.16 13.20
C CYS B 56 8.10 16.93 14.25
N LYS B 57 7.97 17.65 15.36
CA LYS B 57 9.01 17.58 16.40
C LYS B 57 9.07 16.15 16.94
N GLU B 58 7.89 15.56 17.04
CA GLU B 58 7.74 14.22 17.62
C GLU B 58 8.45 13.19 16.76
N VAL B 59 8.71 13.48 15.48
CA VAL B 59 9.46 12.52 14.65
C VAL B 59 10.84 13.10 14.31
N LYS B 60 11.34 13.89 15.25
CA LYS B 60 12.64 14.53 15.14
C LYS B 60 12.82 15.26 13.82
N ALA B 61 11.78 15.96 13.40
CA ALA B 61 11.80 16.72 12.14
C ALA B 61 11.24 18.14 12.29
N GLN B 62 11.35 18.92 11.24
CA GLN B 62 10.85 20.28 11.29
C GLN B 62 9.74 20.48 10.29
N LEU B 63 8.71 21.15 10.74
CA LEU B 63 7.65 21.64 9.87
C LEU B 63 8.32 22.38 8.69
N VAL B 64 7.90 22.08 7.49
CA VAL B 64 8.81 22.17 6.36
C VAL B 64 9.41 23.54 6.14
N ILE B 65 10.74 23.59 6.04
CA ILE B 65 11.46 24.83 5.67
C ILE B 65 11.93 24.75 4.22
N ILE B 66 11.60 25.76 3.44
CA ILE B 66 12.04 25.81 2.04
C ILE B 66 13.31 26.58 1.84
N ASN B 67 14.24 25.97 1.12
CA ASN B 67 15.47 26.67 0.80
C ASN B 67 15.99 26.25 -0.59
N SER B 68 15.06 25.85 -1.45
CA SER B 68 15.40 25.57 -2.82
C SER B 68 14.16 25.64 -3.67
N ASP B 69 14.33 25.95 -4.95
CA ASP B 69 13.21 26.06 -5.85
C ASP B 69 12.69 24.71 -6.27
N GLU B 70 13.58 23.76 -6.46
CA GLU B 70 13.11 22.43 -6.82
C GLU B 70 12.19 21.96 -5.69
N GLU B 71 12.58 22.25 -4.45
CA GLU B 71 11.75 21.86 -3.33
C GLU B 71 10.39 22.50 -3.34
N GLN B 72 10.38 23.81 -3.55
CA GLN B 72 9.13 24.55 -3.54
C GLN B 72 8.25 24.04 -4.67
N THR B 73 8.86 23.71 -5.80
CA THR B 73 8.10 23.18 -6.92
C THR B 73 7.53 21.81 -6.58
N PHE B 74 8.29 20.97 -5.87
CA PHE B 74 7.83 19.61 -5.56
C PHE B 74 6.79 19.69 -4.48
N LEU B 75 7.01 20.53 -3.47
CA LEU B 75 6.05 20.60 -2.39
C LEU B 75 4.76 21.22 -2.84
N GLN B 76 4.87 22.25 -3.67
CA GLN B 76 3.73 22.97 -4.16
C GLN B 76 2.77 22.02 -4.90
N GLN B 77 3.32 21.07 -5.67
CA GLN B 77 2.46 20.21 -6.50
C GLN B 77 1.74 19.20 -5.62
N THR B 78 2.41 18.66 -4.59
CA THR B 78 1.78 17.69 -3.70
C THR B 78 0.62 18.30 -3.00
N SER B 79 0.86 19.47 -2.42
CA SER B 79 -0.14 20.20 -1.67
C SER B 79 -1.39 20.49 -2.50
N LYS B 80 -1.19 20.85 -3.75
CA LYS B 80 -2.29 21.28 -4.59
C LYS B 80 -3.28 20.13 -4.73
N ALA B 81 -2.77 18.90 -4.75
CA ALA B 81 -3.61 17.70 -4.88
C ALA B 81 -4.38 17.37 -3.60
N LYS B 82 -3.82 17.78 -2.45
CA LYS B 82 -4.45 17.55 -1.14
C LYS B 82 -5.28 18.77 -0.76
N GLY B 83 -4.65 19.93 -0.70
CA GLY B 83 -5.31 21.14 -0.23
C GLY B 83 -4.33 21.97 0.57
N PRO B 84 -4.81 23.02 1.20
CA PRO B 84 -3.94 23.88 1.99
C PRO B 84 -3.08 23.15 3.02
N THR B 85 -1.81 23.55 3.08
CA THR B 85 -0.82 22.86 3.88
C THR B 85 0.17 23.86 4.54
N TRP B 86 0.36 23.71 5.84
CA TRP B 86 1.26 24.56 6.59
C TRP B 86 2.71 24.26 6.26
N MET B 87 3.55 25.30 6.32
CA MET B 87 5.01 25.20 6.29
C MET B 87 5.55 25.83 7.55
N GLY B 88 6.83 25.68 7.80
CA GLY B 88 7.40 26.12 9.05
C GLY B 88 7.80 27.60 9.08
N LEU B 89 6.89 28.45 8.63
CA LEU B 89 7.15 29.89 8.55
C LEU B 89 6.06 30.71 9.22
N SER B 90 6.47 31.73 9.95
CA SER B 90 5.49 32.53 10.69
C SER B 90 6.12 33.81 11.13
N ASP B 91 5.28 34.79 11.47
CA ASP B 91 5.77 36.03 12.10
C ASP B 91 5.34 36.15 13.55
N LEU B 92 5.33 35.04 14.28
CA LEU B 92 4.82 35.11 15.66
C LEU B 92 5.75 35.86 16.59
N LYS B 93 7.04 35.88 16.29
CA LYS B 93 7.95 36.66 17.10
C LYS B 93 7.72 38.16 16.89
N LYS B 94 7.59 38.56 15.63
CA LYS B 94 7.43 39.98 15.30
C LYS B 94 6.67 40.19 13.99
N GLU B 95 5.50 40.78 14.13
CA GLU B 95 4.66 41.24 13.06
C GLU B 95 5.53 41.75 11.96
N ALA B 96 5.35 41.14 10.79
CA ALA B 96 5.95 41.55 9.52
C ALA B 96 7.29 40.87 9.30
N THR B 97 7.91 40.34 10.36
CA THR B 97 9.13 39.60 10.16
C THR B 97 8.82 38.12 10.11
N TRP B 98 9.27 37.48 9.05
CA TRP B 98 8.94 36.10 8.77
C TRP B 98 10.12 35.19 9.03
N LEU B 99 9.97 34.34 10.05
CA LEU B 99 11.04 33.42 10.45
C LEU B 99 10.67 31.95 10.25
N TRP B 100 11.67 31.17 9.83
CA TRP B 100 11.53 29.74 9.72
C TRP B 100 11.78 29.20 11.13
N VAL B 101 11.23 28.02 11.41
CA VAL B 101 11.26 27.48 12.77
C VAL B 101 12.69 27.31 13.31
N ASP B 102 13.66 27.24 12.41
CA ASP B 102 15.05 27.12 12.78
C ASP B 102 15.63 28.50 13.13
N GLY B 103 14.78 29.52 13.13
CA GLY B 103 15.19 30.86 13.52
C GLY B 103 15.64 31.75 12.37
N SER B 104 15.96 31.16 11.22
CA SER B 104 16.45 31.94 10.09
C SER B 104 15.37 32.80 9.48
N THR B 105 15.77 33.99 8.99
CA THR B 105 14.88 34.94 8.30
C THR B 105 14.51 34.51 6.88
N LEU B 106 13.34 34.94 6.40
CA LEU B 106 12.94 34.62 5.02
C LEU B 106 13.84 35.33 4.07
N SER B 107 14.32 34.61 3.06
CA SER B 107 15.29 35.18 2.15
C SER B 107 14.61 35.93 1.00
N SER B 108 15.25 37.01 0.58
CA SER B 108 14.80 37.81 -0.56
C SER B 108 14.50 36.95 -1.80
N ARG B 109 15.29 35.90 -2.02
CA ARG B 109 15.09 35.06 -3.21
C ARG B 109 13.74 34.30 -3.18
N PHE B 110 13.02 34.33 -2.04
CA PHE B 110 11.76 33.56 -1.91
C PHE B 110 10.48 34.37 -1.91
N GLN B 111 10.58 35.69 -1.67
CA GLN B 111 9.39 36.59 -1.71
C GLN B 111 8.54 36.33 -2.94
N LYS B 112 9.17 35.93 -4.06
CA LYS B 112 8.43 35.69 -5.27
C LYS B 112 7.37 34.65 -5.04
N TYR B 113 7.46 33.87 -3.96
CA TYR B 113 6.53 32.76 -3.80
C TYR B 113 5.20 33.21 -3.19
N TRP B 114 5.18 34.38 -2.54
CA TRP B 114 3.91 34.95 -2.12
C TRP B 114 2.93 35.06 -3.26
N ASN B 115 1.69 34.68 -2.98
CA ASN B 115 0.65 34.96 -3.94
C ASN B 115 0.46 36.48 -4.01
N ARG B 116 -0.05 36.96 -5.13
CA ARG B 116 -0.43 38.36 -5.24
C ARG B 116 -1.49 38.56 -4.18
N GLY B 117 -1.42 39.66 -3.44
CA GLY B 117 -2.35 39.95 -2.38
C GLY B 117 -1.94 39.26 -1.09
N GLU B 118 -0.76 38.65 -1.08
CA GLU B 118 -0.23 38.08 0.15
C GLU B 118 1.19 38.55 0.33
N PRO B 119 1.64 38.69 1.57
CA PRO B 119 0.85 38.52 2.79
C PRO B 119 -0.01 39.72 3.10
N ASN B 120 -1.21 39.46 3.60
CA ASN B 120 -2.10 40.54 4.03
C ASN B 120 -2.47 40.34 5.51
N ASN B 121 -3.52 41.02 5.95
CA ASN B 121 -4.01 40.83 7.32
C ASN B 121 -2.90 40.65 8.37
N ILE B 122 -1.87 41.49 8.22
CA ILE B 122 -0.68 41.39 9.04
C ILE B 122 -1.11 41.48 10.51
N GLY B 123 -0.58 40.61 11.34
CA GLY B 123 -0.89 40.64 12.76
C GLY B 123 -2.16 39.89 13.10
N GLU B 124 -2.95 39.53 12.10
CA GLU B 124 -4.10 38.67 12.34
C GLU B 124 -3.90 37.28 11.69
N GLU B 125 -3.12 37.21 10.62
CA GLU B 125 -2.76 35.93 9.99
C GLU B 125 -1.26 35.76 10.06
N ASP B 126 -0.82 34.93 11.00
CA ASP B 126 0.56 34.90 11.41
C ASP B 126 1.32 33.68 10.93
N CYS B 127 0.63 32.78 10.24
CA CYS B 127 1.30 31.58 9.74
C CYS B 127 1.19 31.37 8.24
N VAL B 128 2.20 30.73 7.66
CA VAL B 128 2.21 30.54 6.22
C VAL B 128 1.84 29.12 5.72
N GLU B 129 1.01 29.11 4.67
CA GLU B 129 0.51 27.92 3.99
C GLU B 129 0.80 27.90 2.50
N PHE B 130 0.89 26.72 1.92
CA PHE B 130 0.76 26.61 0.49
C PHE B 130 -0.68 26.78 0.18
N ALA B 131 -0.96 27.58 -0.83
CA ALA B 131 -2.31 27.78 -1.30
C ALA B 131 -2.26 27.89 -2.80
N GLY B 132 -2.66 26.81 -3.48
CA GLY B 132 -2.71 26.85 -4.93
C GLY B 132 -1.32 26.87 -5.50
N ASP B 133 -0.87 28.00 -6.02
CA ASP B 133 0.45 28.09 -6.65
C ASP B 133 1.47 28.95 -5.88
N GLY B 134 1.04 29.52 -4.75
CA GLY B 134 1.92 30.33 -3.91
C GLY B 134 1.69 30.20 -2.41
N TRP B 135 2.19 31.17 -1.66
CA TRP B 135 2.05 31.16 -0.22
C TRP B 135 0.99 32.16 0.23
N ASN B 136 0.20 31.76 1.23
CA ASN B 136 -0.63 32.69 1.99
C ASN B 136 -0.15 32.76 3.41
N ASP B 137 -0.47 33.86 4.08
CA ASP B 137 -0.47 33.90 5.54
C ASP B 137 -1.89 33.67 6.08
N SER B 138 -2.00 33.01 7.22
CA SER B 138 -3.30 32.54 7.70
C SER B 138 -3.40 32.51 9.20
N LYS B 139 -4.65 32.46 9.65
CA LYS B 139 -4.94 32.26 11.05
C LYS B 139 -4.35 30.92 11.51
N CYS B 140 -3.40 31.01 12.42
CA CYS B 140 -2.71 29.85 12.89
C CYS B 140 -3.66 28.86 13.50
N GLU B 141 -4.81 29.35 13.95
CA GLU B 141 -5.75 28.50 14.67
C GLU B 141 -6.40 27.49 13.76
N LEU B 142 -6.31 27.68 12.44
CA LEU B 142 -7.01 26.81 11.50
C LEU B 142 -6.33 25.48 11.37
N LYS B 143 -7.07 24.45 11.02
CA LYS B 143 -6.46 23.16 10.83
C LYS B 143 -6.11 22.97 9.36
N LYS B 144 -4.88 22.55 9.11
CA LYS B 144 -4.46 22.30 7.75
C LYS B 144 -3.56 21.07 7.70
N PHE B 145 -3.39 20.53 6.49
CA PHE B 145 -2.39 19.51 6.27
C PHE B 145 -1.04 20.12 6.62
N TRP B 146 -0.05 19.28 6.81
CA TRP B 146 1.26 19.80 7.09
C TRP B 146 2.27 18.86 6.48
N ILE B 147 3.53 19.29 6.61
CA ILE B 147 4.69 18.59 6.05
C ILE B 147 5.91 18.66 6.97
N CYS B 148 6.58 17.54 7.17
CA CYS B 148 7.81 17.52 7.97
C CYS B 148 8.95 17.35 7.07
N LYS B 149 10.10 17.80 7.54
CA LYS B 149 11.34 17.63 6.81
C LYS B 149 12.42 17.29 7.76
N LYS B 150 13.24 16.29 7.39
CA LYS B 150 14.50 16.00 8.07
C LYS B 150 15.46 15.42 7.07
N SER B 151 16.73 15.34 7.48
CA SER B 151 17.81 14.87 6.64
C SER B 151 17.70 13.39 6.38
N ALA B 152 18.15 12.97 5.19
CA ALA B 152 18.14 11.58 4.77
C ALA B 152 19.41 10.88 5.25
N THR B 153 19.46 9.55 5.00
CA THR B 153 20.58 8.69 5.38
C THR B 153 21.11 7.91 4.16
N PRO B 154 22.42 7.96 3.90
CA PRO B 154 22.92 7.46 2.60
C PRO B 154 23.03 5.95 2.49
N CYS B 155 23.53 5.44 1.37
CA CYS B 155 23.73 4.00 1.19
C CYS B 155 25.13 3.68 0.70
N THR B 156 26.03 3.43 1.66
CA THR B 156 27.47 3.19 1.44
C THR B 156 28.04 3.86 0.17
N LEU C 24 -12.48 6.79 5.08
CA LEU C 24 -12.69 6.64 6.52
C LEU C 24 -11.81 5.56 7.13
N CYS C 25 -12.35 4.34 7.16
CA CYS C 25 -11.69 3.21 7.79
C CYS C 25 -10.96 2.24 6.85
N ARG C 26 -9.63 2.33 6.76
CA ARG C 26 -8.88 1.30 6.02
C ARG C 26 -7.84 0.64 6.89
N LEU C 27 -7.95 -0.68 7.03
CA LEU C 27 -7.19 -1.41 8.03
C LEU C 27 -5.79 -1.78 7.57
N CYS C 28 -5.67 -2.17 6.30
CA CYS C 28 -4.41 -2.64 5.71
C CYS C 28 -4.09 -1.85 4.46
N PRO C 29 -2.83 -1.83 4.04
CA PRO C 29 -2.49 -1.21 2.75
C PRO C 29 -3.24 -1.89 1.62
N TRP C 30 -3.33 -1.18 0.51
CA TRP C 30 -4.06 -1.59 -0.65
C TRP C 30 -3.62 -2.97 -1.17
N ASP C 31 -4.60 -3.82 -1.53
CA ASP C 31 -4.34 -5.23 -1.87
C ASP C 31 -3.68 -6.06 -0.73
N TRP C 32 -3.74 -5.63 0.52
CA TRP C 32 -3.40 -6.53 1.64
C TRP C 32 -4.68 -7.00 2.42
N THR C 33 -4.66 -8.20 3.02
CA THR C 33 -5.84 -8.71 3.79
C THR C 33 -5.78 -8.51 5.30
N PHE C 34 -6.86 -7.97 5.87
CA PHE C 34 -6.90 -7.83 7.30
C PHE C 34 -7.38 -9.12 7.99
N LEU C 35 -6.68 -9.52 9.04
CA LEU C 35 -7.09 -10.70 9.82
C LEU C 35 -6.55 -10.60 11.20
N LEU C 36 -7.42 -10.34 12.15
CA LEU C 36 -7.08 -10.41 13.56
C LEU C 36 -5.88 -9.54 13.86
N GLY C 37 -5.93 -8.31 13.36
CA GLY C 37 -4.97 -7.31 13.79
C GLY C 37 -3.70 -7.30 12.99
N ASN C 38 -3.60 -8.19 11.99
CA ASN C 38 -2.50 -8.14 11.04
C ASN C 38 -2.94 -8.04 9.60
N CYS C 39 -1.94 -7.74 8.77
CA CYS C 39 -2.16 -7.55 7.35
C CYS C 39 -1.36 -8.54 6.65
N TYR C 40 -1.99 -9.14 5.69
CA TYR C 40 -1.34 -10.16 4.91
C TYR C 40 -1.30 -9.79 3.43
N PHE C 41 -0.15 -10.00 2.81
CA PHE C 41 -0.04 -9.90 1.38
C PHE C 41 0.28 -11.27 0.80
N PHE C 42 -0.51 -11.67 -0.19
CA PHE C 42 -0.29 -12.86 -1.00
C PHE C 42 0.37 -12.52 -2.36
N SER C 43 1.56 -13.05 -2.60
CA SER C 43 2.26 -12.82 -3.83
C SER C 43 1.49 -13.37 -4.98
N LYS C 44 1.70 -12.81 -6.18
CA LYS C 44 1.07 -13.32 -7.39
C LYS C 44 2.05 -14.07 -8.23
N SER C 45 3.31 -14.01 -7.84
CA SER C 45 4.42 -14.67 -8.53
C SER C 45 5.18 -15.53 -7.52
N GLN C 46 6.20 -16.21 -8.02
CA GLN C 46 6.92 -17.20 -7.24
C GLN C 46 8.39 -16.85 -7.12
N ARG C 47 8.96 -17.15 -5.96
CA ARG C 47 10.35 -16.84 -5.70
C ARG C 47 11.03 -17.86 -4.79
N ASN C 48 12.35 -17.99 -4.87
CA ASN C 48 13.04 -18.85 -3.92
C ASN C 48 12.91 -18.23 -2.54
N TRP C 49 13.32 -18.98 -1.52
CA TRP C 49 12.94 -18.63 -0.17
C TRP C 49 13.55 -17.34 0.28
N ASN C 50 14.83 -17.18 0.03
CA ASN C 50 15.57 -16.02 0.53
C ASN C 50 15.08 -14.74 -0.15
N ASP C 51 14.76 -14.86 -1.42
CA ASP C 51 14.24 -13.71 -2.13
C ASP C 51 12.89 -13.35 -1.60
N ALA C 52 12.08 -14.36 -1.32
CA ALA C 52 10.75 -14.10 -0.78
C ALA C 52 10.95 -13.35 0.54
N VAL C 53 11.99 -13.71 1.27
CA VAL C 53 12.30 -13.02 2.50
C VAL C 53 12.51 -11.55 2.20
N THR C 54 13.35 -11.29 1.21
CA THR C 54 13.64 -9.92 0.83
C THR C 54 12.32 -9.20 0.39
N ALA C 55 11.56 -9.84 -0.49
CA ALA C 55 10.33 -9.24 -0.96
C ALA C 55 9.49 -8.71 0.18
N CYS C 56 9.37 -9.47 1.28
CA CYS C 56 8.59 -9.04 2.43
C CYS C 56 9.27 -7.89 3.16
N LYS C 57 10.59 -7.97 3.27
CA LYS C 57 11.34 -6.92 3.98
C LYS C 57 11.20 -5.57 3.27
N GLU C 58 10.99 -5.58 1.95
CA GLU C 58 10.89 -4.29 1.27
C GLU C 58 9.68 -3.49 1.67
N VAL C 59 8.65 -4.16 2.21
CA VAL C 59 7.47 -3.44 2.65
C VAL C 59 7.28 -3.45 4.16
N LYS C 60 8.38 -3.47 4.91
CA LYS C 60 8.34 -3.47 6.37
C LYS C 60 7.42 -4.60 6.83
N ALA C 61 7.67 -5.77 6.23
CA ALA C 61 6.95 -7.00 6.62
C ALA C 61 7.92 -8.21 6.75
N GLN C 62 7.37 -9.35 7.17
CA GLN C 62 8.15 -10.59 7.33
C GLN C 62 7.48 -11.70 6.57
N LEU C 63 8.26 -12.55 5.92
CA LEU C 63 7.70 -13.76 5.31
C LEU C 63 6.94 -14.50 6.44
N VAL C 64 5.72 -14.89 6.14
CA VAL C 64 4.69 -15.05 7.19
C VAL C 64 5.04 -16.05 8.30
N ILE C 65 4.85 -15.54 9.52
CA ILE C 65 5.04 -16.27 10.76
C ILE C 65 3.67 -16.63 11.33
N ILE C 66 3.46 -17.89 11.64
CA ILE C 66 2.16 -18.30 12.21
C ILE C 66 2.20 -18.22 13.72
N ASN C 67 1.18 -17.64 14.34
CA ASN C 67 1.14 -17.65 15.81
C ASN C 67 -0.30 -17.69 16.29
N SER C 68 -1.15 -18.27 15.46
CA SER C 68 -2.51 -18.54 15.85
C SER C 68 -3.06 -19.53 14.88
N ASP C 69 -4.02 -20.29 15.38
CA ASP C 69 -4.61 -21.34 14.59
C ASP C 69 -5.59 -20.82 13.56
N GLU C 70 -6.35 -19.78 13.89
CA GLU C 70 -7.25 -19.19 12.89
C GLU C 70 -6.34 -18.68 11.75
N GLU C 71 -5.18 -18.15 12.08
CA GLU C 71 -4.28 -17.72 11.03
C GLU C 71 -3.90 -18.89 10.12
N GLN C 72 -3.48 -20.01 10.72
CA GLN C 72 -2.95 -21.12 9.92
C GLN C 72 -4.02 -21.65 8.99
N THR C 73 -5.24 -21.67 9.47
CA THR C 73 -6.33 -22.17 8.67
C THR C 73 -6.57 -21.28 7.48
N PHE C 74 -6.39 -19.98 7.69
CA PHE C 74 -6.73 -19.07 6.64
C PHE C 74 -5.65 -19.12 5.61
N LEU C 75 -4.40 -19.14 6.05
CA LEU C 75 -3.33 -19.10 5.07
C LEU C 75 -3.39 -20.39 4.25
N GLN C 76 -3.58 -21.53 4.94
CA GLN C 76 -3.65 -22.84 4.30
C GLN C 76 -4.72 -22.90 3.18
N GLN C 77 -5.89 -22.32 3.41
CA GLN C 77 -6.95 -22.48 2.42
C GLN C 77 -6.59 -21.66 1.20
N THR C 78 -6.05 -20.47 1.44
CA THR C 78 -5.63 -19.61 0.35
C THR C 78 -4.54 -20.27 -0.47
N SER C 79 -3.54 -20.79 0.22
CA SER C 79 -2.42 -21.43 -0.45
C SER C 79 -2.92 -22.49 -1.43
N LYS C 80 -3.93 -23.24 -1.03
CA LYS C 80 -4.35 -24.38 -1.81
C LYS C 80 -4.75 -23.92 -3.20
N ALA C 81 -5.33 -22.74 -3.27
CA ALA C 81 -5.81 -22.27 -4.55
C ALA C 81 -4.65 -21.88 -5.47
N LYS C 82 -3.53 -21.46 -4.91
CA LYS C 82 -2.42 -21.02 -5.75
C LYS C 82 -1.44 -22.14 -5.97
N GLY C 83 -0.95 -22.71 -4.88
CA GLY C 83 0.06 -23.75 -4.98
C GLY C 83 0.98 -23.66 -3.80
N PRO C 84 2.01 -24.47 -3.79
CA PRO C 84 2.93 -24.44 -2.67
C PRO C 84 3.44 -23.01 -2.43
N THR C 85 3.49 -22.64 -1.16
CA THR C 85 3.75 -21.26 -0.79
C THR C 85 4.65 -21.21 0.45
N TRP C 86 5.69 -20.38 0.41
CA TRP C 86 6.63 -20.27 1.52
C TRP C 86 6.04 -19.56 2.71
N MET C 87 6.45 -19.99 3.91
CA MET C 87 6.19 -19.25 5.14
C MET C 87 7.54 -19.00 5.77
N GLY C 88 7.59 -18.17 6.79
CA GLY C 88 8.86 -17.74 7.32
C GLY C 88 9.52 -18.64 8.34
N LEU C 89 9.60 -19.93 8.03
CA LEU C 89 10.17 -20.92 8.94
C LEU C 89 11.28 -21.66 8.22
N SER C 90 12.37 -21.95 8.92
CA SER C 90 13.51 -22.64 8.32
C SER C 90 14.37 -23.16 9.42
N ASP C 91 15.24 -24.12 9.11
CA ASP C 91 16.30 -24.57 10.04
C ASP C 91 17.72 -24.24 9.55
N LEU C 92 17.87 -23.10 8.90
CA LEU C 92 19.15 -22.74 8.26
C LEU C 92 20.25 -22.41 9.26
N LYS C 93 19.89 -21.95 10.45
CA LYS C 93 20.85 -21.72 11.52
C LYS C 93 21.36 -23.05 12.07
N LYS C 94 20.46 -23.98 12.33
CA LYS C 94 20.87 -25.25 12.92
C LYS C 94 19.93 -26.37 12.53
N GLU C 95 20.45 -27.26 11.72
CA GLU C 95 19.77 -28.47 11.34
C GLU C 95 18.94 -29.04 12.52
N ALA C 96 17.65 -29.19 12.24
CA ALA C 96 16.67 -29.86 13.09
C ALA C 96 15.95 -28.88 14.01
N THR C 97 16.52 -27.70 14.23
CA THR C 97 15.82 -26.69 15.01
C THR C 97 15.17 -25.71 14.04
N TRP C 98 13.87 -25.52 14.22
CA TRP C 98 13.06 -24.74 13.30
C TRP C 98 12.73 -23.41 13.92
N LEU C 99 13.24 -22.35 13.28
CA LEU C 99 13.02 -20.98 13.74
C LEU C 99 12.28 -20.15 12.73
N TRP C 100 11.48 -19.21 13.26
CA TRP C 100 10.82 -18.28 12.41
C TRP C 100 11.80 -17.18 12.05
N VAL C 101 11.51 -16.48 10.97
CA VAL C 101 12.43 -15.45 10.47
C VAL C 101 12.68 -14.36 11.48
N ASP C 102 11.78 -14.21 12.44
CA ASP C 102 12.00 -13.20 13.48
C ASP C 102 12.90 -13.73 14.62
N GLY C 103 13.40 -14.95 14.48
CA GLY C 103 14.26 -15.52 15.49
C GLY C 103 13.56 -16.40 16.51
N SER C 104 12.25 -16.33 16.58
CA SER C 104 11.49 -17.16 17.55
C SER C 104 11.46 -18.66 17.19
N THR C 105 11.44 -19.51 18.22
CA THR C 105 11.31 -20.97 18.04
C THR C 105 9.90 -21.44 17.69
N LEU C 106 9.79 -22.53 16.94
CA LEU C 106 8.50 -23.12 16.58
C LEU C 106 7.85 -23.72 17.80
N SER C 107 6.56 -23.50 18.03
CA SER C 107 5.93 -23.97 19.25
C SER C 107 5.35 -25.36 19.16
N SER C 108 5.47 -26.07 20.27
CA SER C 108 4.88 -27.39 20.43
C SER C 108 3.44 -27.36 19.97
N ARG C 109 2.76 -26.23 20.20
CA ARG C 109 1.34 -26.07 19.86
C ARG C 109 1.15 -26.15 18.37
N PHE C 110 2.24 -26.03 17.60
CA PHE C 110 2.10 -25.94 16.15
C PHE C 110 2.62 -27.18 15.45
N GLN C 111 3.34 -28.04 16.16
CA GLN C 111 3.87 -29.27 15.56
C GLN C 111 2.81 -30.03 14.75
N LYS C 112 1.56 -29.95 15.19
CA LYS C 112 0.47 -30.66 14.53
C LYS C 112 0.26 -30.28 13.06
N TYR C 113 0.87 -29.18 12.60
CA TYR C 113 0.65 -28.71 11.19
C TYR C 113 1.57 -29.36 10.16
N TRP C 114 2.68 -29.91 10.61
CA TRP C 114 3.47 -30.75 9.75
C TRP C 114 2.59 -31.81 9.13
N ASN C 115 2.70 -32.01 7.83
CA ASN C 115 2.02 -33.13 7.20
C ASN C 115 2.60 -34.43 7.76
N ARG C 116 1.85 -35.53 7.68
CA ARG C 116 2.46 -36.83 7.96
C ARG C 116 3.57 -37.03 6.97
N GLY C 117 4.71 -37.49 7.49
CA GLY C 117 5.89 -37.74 6.69
C GLY C 117 6.74 -36.50 6.53
N GLU C 118 6.42 -35.45 7.30
CA GLU C 118 7.22 -34.25 7.34
C GLU C 118 7.48 -33.84 8.79
N PRO C 119 8.62 -33.21 9.06
CA PRO C 119 9.72 -32.87 8.15
C PRO C 119 10.59 -34.06 7.83
N ASN C 120 11.05 -34.17 6.59
CA ASN C 120 11.99 -35.26 6.23
C ASN C 120 13.25 -34.70 5.58
N ASN C 121 14.02 -35.54 4.88
CA ASN C 121 15.23 -35.10 4.15
C ASN C 121 16.00 -33.98 4.91
N ILE C 122 16.15 -34.16 6.22
CA ILE C 122 16.74 -33.13 7.06
C ILE C 122 18.13 -32.77 6.55
N GLY C 123 18.42 -31.47 6.46
CA GLY C 123 19.72 -31.03 6.00
C GLY C 123 19.80 -30.84 4.50
N GLU C 124 18.79 -31.30 3.77
CA GLU C 124 18.67 -31.00 2.35
C GLU C 124 17.46 -30.10 2.03
N GLU C 125 16.39 -30.17 2.84
CA GLU C 125 15.20 -29.33 2.64
C GLU C 125 15.03 -28.43 3.86
N ASP C 126 15.43 -27.17 3.74
CA ASP C 126 15.63 -26.37 4.92
C ASP C 126 14.57 -25.30 5.13
N CYS C 127 13.62 -25.23 4.19
CA CYS C 127 12.55 -24.25 4.26
C CYS C 127 11.16 -24.85 4.27
N VAL C 128 10.24 -24.15 4.92
CA VAL C 128 8.91 -24.70 5.11
C VAL C 128 7.83 -24.04 4.20
N GLU C 129 6.97 -24.89 3.61
CA GLU C 129 5.89 -24.49 2.71
C GLU C 129 4.50 -24.95 3.22
N PHE C 130 3.45 -24.23 2.83
CA PHE C 130 2.13 -24.79 2.92
C PHE C 130 2.03 -25.74 1.77
N ALA C 131 1.53 -26.93 2.08
CA ALA C 131 1.41 -27.99 1.11
C ALA C 131 0.15 -28.75 1.37
N GLY C 132 -0.85 -28.54 0.53
CA GLY C 132 -2.09 -29.28 0.71
C GLY C 132 -2.82 -28.81 1.95
N ASP C 133 -2.79 -29.64 3.01
CA ASP C 133 -3.46 -29.34 4.27
C ASP C 133 -2.49 -29.18 5.45
N GLY C 134 -1.20 -29.36 5.22
CA GLY C 134 -0.19 -29.17 6.26
C GLY C 134 1.11 -28.56 5.72
N TRP C 135 2.19 -28.69 6.49
CA TRP C 135 3.47 -28.14 6.13
C TRP C 135 4.47 -29.21 5.70
N ASN C 136 5.18 -28.92 4.61
CA ASN C 136 6.37 -29.68 4.19
C ASN C 136 7.63 -28.86 4.38
N ASP C 137 8.76 -29.52 4.51
CA ASP C 137 10.05 -28.87 4.29
C ASP C 137 10.50 -29.12 2.85
N SER C 138 11.25 -28.16 2.28
CA SER C 138 11.56 -28.18 0.85
C SER C 138 12.94 -27.58 0.53
N LYS C 139 13.44 -27.87 -0.67
CA LYS C 139 14.64 -27.21 -1.15
C LYS C 139 14.38 -25.71 -1.28
N CYS C 140 15.12 -24.94 -0.49
CA CYS C 140 14.98 -23.50 -0.45
C CYS C 140 15.24 -22.87 -1.81
N GLU C 141 15.97 -23.57 -2.67
CA GLU C 141 16.34 -23.04 -3.99
C GLU C 141 15.12 -23.00 -4.89
N LEU C 142 14.06 -23.71 -4.52
CA LEU C 142 12.88 -23.77 -5.37
C LEU C 142 12.08 -22.49 -5.32
N LYS C 143 11.34 -22.22 -6.39
CA LYS C 143 10.49 -21.01 -6.44
C LYS C 143 9.06 -21.33 -6.06
N LYS C 144 8.52 -20.57 -5.14
CA LYS C 144 7.14 -20.79 -4.77
C LYS C 144 6.47 -19.47 -4.53
N PHE C 145 5.14 -19.48 -4.46
CA PHE C 145 4.41 -18.33 -4.00
C PHE C 145 4.86 -18.06 -2.60
N TRP C 146 4.56 -16.85 -2.11
CA TRP C 146 4.92 -16.50 -0.76
C TRP C 146 3.88 -15.55 -0.22
N ILE C 147 4.03 -15.25 1.07
CA ILE C 147 3.07 -14.46 1.79
C ILE C 147 3.82 -13.60 2.76
N CYS C 148 3.41 -12.33 2.87
CA CYS C 148 3.96 -11.39 3.85
C CYS C 148 2.95 -11.09 4.91
N LYS C 149 3.46 -10.74 6.11
CA LYS C 149 2.63 -10.38 7.24
C LYS C 149 3.24 -9.23 7.95
N LYS C 150 2.40 -8.25 8.27
CA LYS C 150 2.83 -7.15 9.12
C LYS C 150 1.63 -6.64 9.89
N SER C 151 1.89 -5.86 10.92
CA SER C 151 0.83 -5.44 11.81
C SER C 151 -0.05 -4.38 11.19
N ALA C 152 -1.34 -4.43 11.52
CA ALA C 152 -2.33 -3.54 10.94
C ALA C 152 -2.37 -2.25 11.70
N THR C 153 -3.18 -1.31 11.20
CA THR C 153 -3.44 -0.04 11.87
C THR C 153 -4.95 0.24 11.94
N PRO C 154 -5.51 0.45 13.14
CA PRO C 154 -6.97 0.51 13.32
C PRO C 154 -7.69 1.82 12.88
N CYS C 155 -8.96 1.90 13.28
CA CYS C 155 -9.86 3.00 12.93
C CYS C 155 -10.43 3.60 14.20
N LEU D 24 1.06 -12.90 -12.43
CA LEU D 24 0.71 -14.18 -13.02
C LEU D 24 -0.57 -14.71 -12.38
N CYS D 25 -0.46 -15.34 -11.22
CA CYS D 25 -1.61 -15.97 -10.59
C CYS D 25 -2.26 -14.99 -9.63
N ARG D 26 -3.38 -14.42 -10.05
CA ARG D 26 -4.19 -13.54 -9.21
C ARG D 26 -5.60 -14.15 -9.11
N LEU D 27 -6.08 -14.43 -7.90
CA LEU D 27 -7.33 -15.18 -7.68
C LEU D 27 -8.55 -14.26 -7.66
N CYS D 28 -8.30 -13.10 -7.05
CA CYS D 28 -9.32 -12.07 -6.82
C CYS D 28 -8.90 -10.78 -7.45
N PRO D 29 -9.87 -9.89 -7.70
CA PRO D 29 -9.61 -8.52 -8.14
C PRO D 29 -8.71 -7.80 -7.16
N TRP D 30 -7.94 -6.81 -7.60
CA TRP D 30 -7.01 -6.08 -6.72
C TRP D 30 -7.77 -5.50 -5.54
N ASP D 31 -7.16 -5.51 -4.35
CA ASP D 31 -7.83 -5.10 -3.13
C ASP D 31 -9.04 -5.96 -2.77
N TRP D 32 -9.16 -7.15 -3.35
CA TRP D 32 -10.15 -8.12 -2.78
C TRP D 32 -9.56 -9.34 -2.06
N THR D 33 -10.24 -9.79 -1.02
CA THR D 33 -9.73 -10.92 -0.27
C THR D 33 -10.34 -12.24 -0.75
N PHE D 34 -9.46 -13.19 -1.03
CA PHE D 34 -9.88 -14.54 -1.40
C PHE D 34 -10.15 -15.37 -0.13
N LEU D 35 -11.26 -16.07 -0.15
CA LEU D 35 -11.69 -16.92 0.93
C LEU D 35 -12.62 -17.96 0.40
N LEU D 36 -12.14 -19.17 0.38
CA LEU D 36 -12.96 -20.33 0.11
C LEU D 36 -13.69 -20.26 -1.21
N GLY D 37 -12.95 -19.91 -2.24
CA GLY D 37 -13.45 -20.00 -3.60
C GLY D 37 -14.20 -18.76 -4.03
N ASN D 38 -14.34 -17.80 -3.11
CA ASN D 38 -14.91 -16.52 -3.45
C ASN D 38 -13.99 -15.34 -3.11
N CYS D 39 -14.38 -14.15 -3.58
CA CYS D 39 -13.65 -12.91 -3.35
C CYS D 39 -14.51 -11.92 -2.58
N TYR D 40 -13.93 -11.29 -1.59
CA TYR D 40 -14.67 -10.33 -0.77
C TYR D 40 -14.01 -8.94 -0.84
N PHE D 41 -14.83 -7.90 -0.99
CA PHE D 41 -14.37 -6.49 -0.90
C PHE D 41 -14.99 -5.81 0.30
N PHE D 42 -14.15 -5.24 1.14
CA PHE D 42 -14.65 -4.49 2.30
C PHE D 42 -14.59 -3.01 1.98
N SER D 43 -15.73 -2.36 2.00
CA SER D 43 -15.81 -0.94 1.68
C SER D 43 -15.00 -0.14 2.68
N LYS D 44 -14.56 1.04 2.27
CA LYS D 44 -13.86 1.93 3.18
C LYS D 44 -14.82 3.03 3.58
N SER D 45 -15.93 3.11 2.87
CA SER D 45 -16.92 4.18 3.07
C SER D 45 -18.27 3.59 3.43
N GLN D 46 -19.24 4.47 3.70
CA GLN D 46 -20.52 4.02 4.18
C GLN D 46 -21.66 4.47 3.31
N ARG D 47 -22.62 3.57 3.16
CA ARG D 47 -23.79 3.80 2.33
C ARG D 47 -25.00 3.17 2.97
N ASN D 48 -26.18 3.64 2.58
CA ASN D 48 -27.39 2.96 2.97
C ASN D 48 -27.56 1.60 2.28
N TRP D 49 -28.53 0.82 2.71
CA TRP D 49 -28.54 -0.54 2.31
C TRP D 49 -28.68 -0.64 0.76
N ASN D 50 -29.60 0.14 0.20
CA ASN D 50 -29.90 0.05 -1.24
C ASN D 50 -28.74 0.51 -2.08
N ASP D 51 -28.06 1.52 -1.59
CA ASP D 51 -26.93 1.99 -2.34
C ASP D 51 -25.86 0.90 -2.34
N ALA D 52 -25.68 0.26 -1.18
CA ALA D 52 -24.64 -0.75 -1.06
C ALA D 52 -24.90 -1.90 -2.05
N VAL D 53 -26.16 -2.28 -2.21
CA VAL D 53 -26.50 -3.26 -3.20
C VAL D 53 -25.99 -2.73 -4.56
N THR D 54 -26.32 -1.48 -4.84
CA THR D 54 -25.95 -0.91 -6.11
C THR D 54 -24.42 -1.00 -6.27
N ALA D 55 -23.67 -0.55 -5.27
CA ALA D 55 -22.21 -0.59 -5.34
C ALA D 55 -21.71 -1.98 -5.64
N CYS D 56 -22.31 -3.03 -5.06
CA CYS D 56 -21.85 -4.38 -5.38
C CYS D 56 -22.25 -4.77 -6.80
N LYS D 57 -23.45 -4.34 -7.21
CA LYS D 57 -23.94 -4.70 -8.55
C LYS D 57 -23.04 -4.13 -9.64
N GLU D 58 -22.47 -2.95 -9.35
CA GLU D 58 -21.62 -2.23 -10.30
C GLU D 58 -20.33 -2.97 -10.54
N VAL D 59 -19.95 -3.83 -9.60
CA VAL D 59 -18.74 -4.64 -9.76
C VAL D 59 -19.09 -6.10 -9.95
N LYS D 60 -20.24 -6.32 -10.58
CA LYS D 60 -20.72 -7.65 -10.94
C LYS D 60 -20.64 -8.60 -9.76
N ALA D 61 -21.01 -8.08 -8.59
CA ALA D 61 -20.98 -8.77 -7.28
C ALA D 61 -22.23 -8.55 -6.45
N GLN D 62 -22.30 -9.24 -5.31
CA GLN D 62 -23.51 -9.17 -4.48
C GLN D 62 -23.17 -8.71 -3.11
N LEU D 63 -23.99 -7.83 -2.59
CA LEU D 63 -23.89 -7.48 -1.18
C LEU D 63 -23.94 -8.79 -0.39
N VAL D 64 -23.02 -8.94 0.55
CA VAL D 64 -22.50 -10.25 0.92
C VAL D 64 -23.54 -11.20 1.51
N ILE D 65 -23.59 -12.40 0.93
CA ILE D 65 -24.48 -13.51 1.39
C ILE D 65 -23.70 -14.53 2.19
N ILE D 66 -24.19 -14.88 3.37
CA ILE D 66 -23.51 -15.87 4.21
C ILE D 66 -24.03 -17.26 3.95
N ASN D 67 -23.12 -18.20 3.71
CA ASN D 67 -23.53 -19.57 3.49
C ASN D 67 -22.51 -20.53 4.04
N SER D 68 -21.72 -20.07 5.01
CA SER D 68 -20.80 -20.96 5.69
C SER D 68 -20.37 -20.32 7.01
N ASP D 69 -20.00 -21.15 7.99
CA ASP D 69 -19.65 -20.59 9.28
C ASP D 69 -18.27 -19.97 9.25
N GLU D 70 -17.34 -20.58 8.53
CA GLU D 70 -16.03 -19.97 8.37
C GLU D 70 -16.16 -18.57 7.72
N GLU D 71 -17.05 -18.45 6.75
CA GLU D 71 -17.28 -17.16 6.11
C GLU D 71 -17.76 -16.12 7.12
N GLN D 72 -18.76 -16.52 7.91
CA GLN D 72 -19.33 -15.64 8.92
C GLN D 72 -18.27 -15.31 9.98
N THR D 73 -17.42 -16.28 10.29
CA THR D 73 -16.39 -16.03 11.28
C THR D 73 -15.38 -14.99 10.78
N PHE D 74 -15.05 -15.04 9.50
CA PHE D 74 -14.06 -14.17 8.93
C PHE D 74 -14.64 -12.77 8.73
N LEU D 75 -15.88 -12.72 8.24
CA LEU D 75 -16.47 -11.43 7.97
C LEU D 75 -16.68 -10.74 9.29
N GLN D 76 -17.13 -11.50 10.28
CA GLN D 76 -17.46 -10.96 11.59
C GLN D 76 -16.29 -10.19 12.19
N GLN D 77 -15.08 -10.76 12.10
CA GLN D 77 -13.95 -10.15 12.78
C GLN D 77 -13.52 -8.91 12.04
N THR D 78 -13.55 -8.95 10.72
CA THR D 78 -13.15 -7.78 9.96
C THR D 78 -14.09 -6.64 10.26
N SER D 79 -15.39 -6.91 10.22
CA SER D 79 -16.37 -5.87 10.49
C SER D 79 -16.13 -5.27 11.85
N LYS D 80 -15.78 -6.12 12.81
CA LYS D 80 -15.68 -5.68 14.20
C LYS D 80 -14.59 -4.63 14.26
N ALA D 81 -13.59 -4.77 13.39
CA ALA D 81 -12.51 -3.80 13.31
C ALA D 81 -12.97 -2.47 12.69
N LYS D 82 -13.95 -2.51 11.81
CA LYS D 82 -14.37 -1.28 11.12
C LYS D 82 -15.49 -0.60 11.81
N GLY D 83 -16.56 -1.34 12.03
CA GLY D 83 -17.79 -0.80 12.57
C GLY D 83 -18.96 -1.53 11.93
N PRO D 84 -20.17 -1.07 12.23
CA PRO D 84 -21.37 -1.68 11.65
C PRO D 84 -21.33 -1.80 10.12
N THR D 85 -21.76 -2.95 9.61
CA THR D 85 -21.61 -3.30 8.19
C THR D 85 -22.81 -4.09 7.67
N TRP D 86 -23.31 -3.68 6.49
CA TRP D 86 -24.46 -4.32 5.85
C TRP D 86 -24.09 -5.66 5.26
N MET D 87 -25.07 -6.56 5.24
CA MET D 87 -25.00 -7.79 4.46
C MET D 87 -26.23 -7.86 3.55
N GLY D 88 -26.28 -8.82 2.65
CA GLY D 88 -27.33 -8.85 1.65
C GLY D 88 -28.61 -9.55 2.07
N LEU D 89 -29.10 -9.22 3.27
CA LEU D 89 -30.30 -9.82 3.84
C LEU D 89 -31.30 -8.77 4.31
N SER D 90 -32.59 -8.99 4.06
CA SER D 90 -33.60 -8.00 4.42
C SER D 90 -34.94 -8.67 4.48
N ASP D 91 -35.92 -8.04 5.10
CA ASP D 91 -37.32 -8.51 5.02
C ASP D 91 -38.22 -7.57 4.18
N LEU D 92 -37.65 -6.92 3.16
CA LEU D 92 -38.41 -5.91 2.44
C LEU D 92 -39.49 -6.46 1.53
N LYS D 93 -39.28 -7.66 0.99
CA LYS D 93 -40.29 -8.26 0.14
C LYS D 93 -41.47 -8.58 1.05
N LYS D 94 -41.21 -9.17 2.22
CA LYS D 94 -42.27 -9.59 3.13
C LYS D 94 -41.77 -9.56 4.58
N GLU D 95 -42.35 -8.64 5.36
CA GLU D 95 -42.12 -8.50 6.78
C GLU D 95 -41.94 -9.85 7.48
N ALA D 96 -40.81 -10.00 8.17
CA ALA D 96 -40.57 -11.12 9.09
C ALA D 96 -39.97 -12.34 8.39
N THR D 97 -40.12 -12.42 7.07
CA THR D 97 -39.42 -13.45 6.31
C THR D 97 -38.16 -12.81 5.75
N TRP D 98 -37.02 -13.41 6.00
CA TRP D 98 -35.75 -12.84 5.64
C TRP D 98 -35.16 -13.51 4.41
N LEU D 99 -35.01 -12.71 3.35
CA LEU D 99 -34.43 -13.18 2.09
C LEU D 99 -33.10 -12.52 1.78
N TRP D 100 -32.24 -13.32 1.15
CA TRP D 100 -30.94 -12.87 0.69
C TRP D 100 -31.14 -12.19 -0.63
N VAL D 101 -30.22 -11.32 -0.98
CA VAL D 101 -30.39 -10.55 -2.23
C VAL D 101 -30.52 -11.47 -3.44
N ASP D 102 -30.07 -12.72 -3.30
CA ASP D 102 -30.21 -13.67 -4.40
C ASP D 102 -31.59 -14.33 -4.45
N GLY D 103 -32.48 -13.94 -3.55
CA GLY D 103 -33.82 -14.50 -3.54
C GLY D 103 -33.98 -15.69 -2.61
N SER D 104 -32.87 -16.24 -2.15
CA SER D 104 -32.92 -17.40 -1.25
C SER D 104 -33.39 -17.07 0.18
N THR D 105 -34.13 -17.98 0.82
CA THR D 105 -34.55 -17.82 2.22
C THR D 105 -33.40 -18.05 3.21
N LEU D 106 -33.46 -17.38 4.36
CA LEU D 106 -32.47 -17.60 5.42
C LEU D 106 -32.61 -19.00 6.01
N SER D 107 -31.47 -19.66 6.20
CA SER D 107 -31.45 -21.03 6.69
C SER D 107 -31.42 -21.12 8.18
N SER D 108 -32.09 -22.15 8.68
CA SER D 108 -32.13 -22.47 10.10
C SER D 108 -30.75 -22.54 10.73
N ARG D 109 -29.77 -23.08 9.99
CA ARG D 109 -28.44 -23.24 10.56
C ARG D 109 -27.85 -21.85 10.81
N PHE D 110 -28.50 -20.76 10.34
CA PHE D 110 -27.93 -19.42 10.53
C PHE D 110 -28.65 -18.54 11.55
N GLN D 111 -29.88 -18.87 11.92
CA GLN D 111 -30.60 -18.14 12.98
C GLN D 111 -29.72 -17.94 14.22
N LYS D 112 -28.79 -18.87 14.44
CA LYS D 112 -27.91 -18.75 15.58
C LYS D 112 -27.10 -17.44 15.60
N TYR D 113 -27.00 -16.77 14.45
CA TYR D 113 -26.16 -15.58 14.36
C TYR D 113 -26.82 -14.28 14.81
N TRP D 114 -28.14 -14.24 14.88
CA TRP D 114 -28.80 -13.11 15.48
C TRP D 114 -28.23 -12.87 16.86
N ASN D 115 -28.02 -11.60 17.21
CA ASN D 115 -27.71 -11.27 18.60
C ASN D 115 -28.92 -11.55 19.49
N ARG D 116 -28.74 -11.79 20.79
CA ARG D 116 -29.92 -11.86 21.66
C ARG D 116 -30.63 -10.51 21.60
N GLY D 117 -31.97 -10.55 21.52
CA GLY D 117 -32.78 -9.37 21.39
C GLY D 117 -32.87 -8.92 19.94
N GLU D 118 -32.35 -9.74 19.02
CA GLU D 118 -32.48 -9.48 17.59
C GLU D 118 -33.03 -10.71 16.87
N PRO D 119 -33.81 -10.54 15.79
CA PRO D 119 -34.28 -9.27 15.22
C PRO D 119 -35.44 -8.68 15.99
N ASN D 120 -35.46 -7.37 16.13
CA ASN D 120 -36.61 -6.71 16.74
C ASN D 120 -37.14 -5.60 15.83
N ASN D 121 -37.97 -4.73 16.40
CA ASN D 121 -38.52 -3.61 15.68
C ASN D 121 -38.98 -3.99 14.28
N ILE D 122 -39.68 -5.13 14.22
CA ILE D 122 -40.12 -5.71 12.98
C ILE D 122 -40.95 -4.74 12.19
N GLY D 123 -40.64 -4.66 10.90
CA GLY D 123 -41.37 -3.78 10.02
C GLY D 123 -40.79 -2.39 10.07
N GLU D 124 -39.90 -2.14 11.04
CA GLU D 124 -39.21 -0.86 11.10
C GLU D 124 -37.70 -0.99 10.80
N GLU D 125 -37.07 -2.12 11.14
CA GLU D 125 -35.65 -2.31 10.84
C GLU D 125 -35.58 -3.49 9.91
N ASP D 126 -35.45 -3.21 8.60
CA ASP D 126 -35.74 -4.21 7.59
C ASP D 126 -34.50 -4.79 6.95
N CYS D 127 -33.32 -4.30 7.33
CA CYS D 127 -32.06 -4.78 6.78
C CYS D 127 -31.10 -5.30 7.82
N VAL D 128 -30.22 -6.23 7.43
CA VAL D 128 -29.31 -6.84 8.40
C VAL D 128 -27.82 -6.41 8.33
N GLU D 129 -27.26 -6.14 9.51
CA GLU D 129 -25.88 -5.68 9.69
C GLU D 129 -25.08 -6.59 10.58
N PHE D 130 -23.77 -6.66 10.37
CA PHE D 130 -22.92 -7.23 11.40
C PHE D 130 -22.81 -6.21 12.48
N ALA D 131 -23.03 -6.64 13.72
CA ALA D 131 -22.94 -5.76 14.86
C ALA D 131 -22.33 -6.52 16.03
N GLY D 132 -21.06 -6.23 16.27
CA GLY D 132 -20.34 -6.87 17.35
C GLY D 132 -20.00 -8.30 17.01
N ASP D 133 -20.68 -9.27 17.62
CA ASP D 133 -20.40 -10.68 17.35
C ASP D 133 -21.57 -11.38 16.70
N GLY D 134 -22.64 -10.64 16.42
CA GLY D 134 -23.82 -11.18 15.76
C GLY D 134 -24.52 -10.25 14.78
N TRP D 135 -25.76 -10.57 14.46
CA TRP D 135 -26.50 -9.78 13.49
C TRP D 135 -27.54 -8.96 14.19
N ASN D 136 -27.67 -7.72 13.72
CA ASN D 136 -28.81 -6.88 14.03
C ASN D 136 -29.61 -6.65 12.79
N ASP D 137 -30.90 -6.35 12.99
CA ASP D 137 -31.67 -5.70 11.95
C ASP D 137 -31.69 -4.18 12.25
N SER D 138 -31.67 -3.35 11.20
CA SER D 138 -31.51 -1.90 11.36
C SER D 138 -32.33 -1.13 10.32
N LYS D 139 -32.49 0.16 10.58
CA LYS D 139 -33.09 1.07 9.60
C LYS D 139 -32.23 1.08 8.32
N CYS D 140 -32.86 0.67 7.22
CA CYS D 140 -32.16 0.57 5.96
C CYS D 140 -31.62 1.90 5.54
N GLU D 141 -32.20 2.98 6.05
CA GLU D 141 -31.79 4.30 5.64
C GLU D 141 -30.41 4.66 6.19
N LEU D 142 -29.90 3.91 7.16
CA LEU D 142 -28.64 4.32 7.79
C LEU D 142 -27.47 4.05 6.90
N LYS D 143 -26.44 4.86 7.03
CA LYS D 143 -25.23 4.61 6.27
C LYS D 143 -24.30 3.72 7.07
N LYS D 144 -23.84 2.66 6.42
CA LYS D 144 -22.92 1.73 7.04
C LYS D 144 -21.89 1.17 6.04
N PHE D 145 -20.82 0.61 6.58
CA PHE D 145 -19.87 -0.10 5.77
C PHE D 145 -20.56 -1.24 5.07
N TRP D 146 -19.92 -1.78 4.04
CA TRP D 146 -20.51 -2.90 3.35
C TRP D 146 -19.44 -3.83 2.78
N ILE D 147 -19.91 -4.96 2.26
CA ILE D 147 -19.08 -6.03 1.75
C ILE D 147 -19.71 -6.65 0.53
N CYS D 148 -18.90 -6.80 -0.51
CA CYS D 148 -19.33 -7.46 -1.73
C CYS D 148 -18.66 -8.81 -1.81
N LYS D 149 -19.30 -9.69 -2.56
CA LYS D 149 -18.83 -11.03 -2.75
C LYS D 149 -19.08 -11.46 -4.16
N LYS D 150 -18.09 -12.08 -4.79
CA LYS D 150 -18.35 -12.74 -6.05
C LYS D 150 -17.38 -13.91 -6.19
N SER D 151 -17.57 -14.76 -7.20
CA SER D 151 -16.75 -15.96 -7.36
C SER D 151 -15.33 -15.63 -7.81
N ALA D 152 -14.36 -16.48 -7.46
CA ALA D 152 -12.95 -16.27 -7.80
C ALA D 152 -12.58 -16.88 -9.16
N THR D 153 -11.33 -16.67 -9.56
CA THR D 153 -10.81 -17.21 -10.81
C THR D 153 -9.57 -18.06 -10.52
N PRO D 154 -9.54 -19.31 -11.01
CA PRO D 154 -8.48 -20.22 -10.57
C PRO D 154 -7.14 -19.92 -11.22
N CYS D 155 -6.11 -20.69 -10.95
CA CYS D 155 -4.83 -20.48 -11.60
C CYS D 155 -4.30 -21.78 -12.18
#